data_4MLI
#
_entry.id   4MLI
#
_cell.length_a   31.621
_cell.length_b   38.527
_cell.length_c   44.491
_cell.angle_alpha   83.70
_cell.angle_beta   78.25
_cell.angle_gamma   89.72
#
_symmetry.space_group_name_H-M   'P 1'
#
loop_
_entity.id
_entity.type
_entity.pdbx_description
1 polymer 'Fibronectin binding protein'
2 polymer SpyTag
3 water water
#
loop_
_entity_poly.entity_id
_entity_poly.type
_entity_poly.pdbx_seq_one_letter_code
_entity_poly.pdbx_strand_id
1 'polypeptide(L)'
;GAMVDTLSGLSSEQGQSGDMTIEEDSATHIKFSKRDEDGKELAGATMELRDSSGKTISTWISDGQVKDFYLYPGKYTFVE
TAAPDGYEVATAITFTVNEQGQVTVNGKATKGDAHI
;
A,C
2 'polypeptide(L)' AHIVMVDAYKPTK B,D
#
# COMPACT_ATOMS: atom_id res chain seq x y z
N ASP A 25 28.15 -2.03 7.97
CA ASP A 25 27.83 -2.09 9.39
C ASP A 25 26.83 -3.21 9.67
N SER A 26 26.26 -3.19 10.87
CA SER A 26 25.30 -4.21 11.30
C SER A 26 23.87 -3.70 11.14
N ALA A 27 22.91 -4.59 11.36
CA ALA A 27 21.50 -4.21 11.23
C ALA A 27 20.97 -3.65 12.54
N THR A 28 20.22 -2.56 12.46
CA THR A 28 19.62 -1.94 13.64
C THR A 28 18.20 -2.43 13.85
N HIS A 29 17.91 -2.87 15.07
CA HIS A 29 16.58 -3.38 15.41
C HIS A 29 15.57 -2.24 15.55
N ILE A 30 14.65 -2.16 14.59
CA ILE A 30 13.60 -1.16 14.62
C ILE A 30 12.28 -1.77 15.03
N LYS A 31 11.59 -1.14 15.98
CA LYS A 31 10.27 -1.61 16.37
C LYS A 31 9.19 -0.61 15.91
N PHE A 32 8.25 -1.10 15.11
CA PHE A 32 7.22 -0.25 14.55
C PHE A 32 5.86 -0.53 15.19
N SER A 33 5.18 0.52 15.62
CA SER A 33 3.85 0.39 16.20
C SER A 33 2.83 1.23 15.44
N LYS A 34 1.78 0.56 14.96
CA LYS A 34 0.61 1.25 14.43
C LYS A 34 -0.45 1.27 15.51
N ARG A 35 -0.86 2.47 15.93
CA ARG A 35 -1.77 2.58 17.06
C ARG A 35 -2.92 3.55 16.78
N ASP A 36 -3.98 3.44 17.58
CA ASP A 36 -5.03 4.44 17.56
C ASP A 36 -4.61 5.61 18.45
N GLU A 37 -5.46 6.62 18.55
CA GLU A 37 -5.13 7.82 19.31
C GLU A 37 -5.05 7.54 20.81
N ASP A 38 -5.64 6.43 21.23
CA ASP A 38 -5.62 6.03 22.63
C ASP A 38 -4.36 5.26 23.01
N GLY A 39 -3.51 5.00 22.02
CA GLY A 39 -2.24 4.32 22.28
C GLY A 39 -2.33 2.81 22.20
N LYS A 40 -3.48 2.29 21.77
CA LYS A 40 -3.66 0.86 21.62
C LYS A 40 -3.24 0.40 20.23
N GLU A 41 -2.54 -0.73 20.17
CA GLU A 41 -2.15 -1.33 18.89
C GLU A 41 -3.37 -1.52 17.98
N LEU A 42 -3.25 -1.05 16.74
CA LEU A 42 -4.36 -1.11 15.79
C LEU A 42 -4.07 -2.05 14.63
N ALA A 43 -4.97 -3.00 14.43
CA ALA A 43 -4.86 -3.97 13.33
C ALA A 43 -5.65 -3.49 12.12
N GLY A 44 -5.28 -3.98 10.93
CA GLY A 44 -6.04 -3.71 9.73
C GLY A 44 -5.46 -2.65 8.83
N ALA A 45 -4.28 -2.13 9.17
CA ALA A 45 -3.63 -1.11 8.36
C ALA A 45 -2.60 -1.72 7.42
N THR A 46 -2.78 -1.53 6.12
CA THR A 46 -1.82 -2.02 5.14
C THR A 46 -0.63 -1.09 5.06
N MET A 47 0.54 -1.63 5.37
CA MET A 47 1.75 -0.82 5.51
C MET A 47 2.82 -1.16 4.48
N GLU A 48 3.64 -0.16 4.14
CA GLU A 48 4.83 -0.37 3.33
C GLU A 48 6.06 0.21 4.01
N LEU A 49 7.19 -0.45 3.85
CA LEU A 49 8.48 0.13 4.21
C LEU A 49 9.29 0.31 2.93
N ARG A 50 9.73 1.53 2.67
CA ARG A 50 10.46 1.85 1.44
CA ARG A 50 10.46 1.83 1.45
C ARG A 50 11.87 2.31 1.75
N ASP A 51 12.80 2.02 0.84
CA ASP A 51 14.18 2.49 1.00
C ASP A 51 14.31 3.92 0.47
N SER A 52 15.54 4.42 0.39
CA SER A 52 15.77 5.80 -0.01
C SER A 52 15.46 6.06 -1.48
N SER A 53 15.30 4.99 -2.25
CA SER A 53 14.98 5.11 -3.68
C SER A 53 13.50 4.89 -3.93
N GLY A 54 12.77 4.59 -2.87
CA GLY A 54 11.34 4.40 -2.97
C GLY A 54 10.94 2.96 -3.22
N LYS A 55 11.91 2.06 -3.27
CA LYS A 55 11.62 0.65 -3.47
CA LYS A 55 11.59 0.65 -3.47
C LYS A 55 11.01 0.02 -2.21
N THR A 56 9.89 -0.67 -2.36
CA THR A 56 9.21 -1.33 -1.27
C THR A 56 10.02 -2.53 -0.81
N ILE A 57 10.58 -2.45 0.39
CA ILE A 57 11.41 -3.54 0.90
CA ILE A 57 11.44 -3.48 0.96
C ILE A 57 10.63 -4.44 1.85
N SER A 58 9.49 -3.96 2.34
CA SER A 58 8.64 -4.78 3.18
C SER A 58 7.17 -4.38 3.07
N THR A 59 6.29 -5.38 3.00
CA THR A 59 4.86 -5.15 2.95
C THR A 59 4.12 -6.01 3.97
N TRP A 60 3.13 -5.44 4.64
CA TRP A 60 2.37 -6.16 5.66
C TRP A 60 1.11 -5.43 6.09
N ILE A 61 0.22 -6.15 6.75
CA ILE A 61 -0.94 -5.54 7.39
C ILE A 61 -0.76 -5.62 8.91
N SER A 62 -1.10 -4.55 9.61
CA SER A 62 -0.96 -4.53 11.06
C SER A 62 -1.90 -5.54 11.68
N ASP A 63 -1.46 -6.21 12.75
CA ASP A 63 -2.26 -7.26 13.36
C ASP A 63 -2.41 -7.10 14.87
N GLY A 64 -2.04 -5.94 15.39
CA GLY A 64 -2.20 -5.66 16.81
C GLY A 64 -0.93 -5.91 17.62
N GLN A 65 0.15 -6.19 16.91
CA GLN A 65 1.46 -6.36 17.55
C GLN A 65 2.45 -5.35 17.03
N VAL A 66 3.52 -5.13 17.79
CA VAL A 66 4.65 -4.36 17.30
C VAL A 66 5.33 -5.14 16.18
N LYS A 67 5.69 -4.45 15.10
CA LYS A 67 6.32 -5.11 13.95
C LYS A 67 7.82 -4.84 13.95
N ASP A 68 8.60 -5.90 13.83
CA ASP A 68 10.05 -5.78 13.92
C ASP A 68 10.74 -5.66 12.56
N PHE A 69 11.78 -4.85 12.53
CA PHE A 69 12.59 -4.68 11.32
C PHE A 69 14.06 -4.58 11.71
N TYR A 70 14.93 -4.95 10.79
CA TYR A 70 16.36 -4.86 11.00
C TYR A 70 17.00 -4.19 9.79
N LEU A 71 17.44 -2.95 9.97
CA LEU A 71 17.88 -2.13 8.84
C LEU A 71 19.34 -1.72 8.93
N TYR A 72 20.03 -1.79 7.80
CA TYR A 72 21.38 -1.26 7.68
C TYR A 72 21.29 0.25 7.54
N PRO A 73 22.42 0.97 7.75
CA PRO A 73 22.42 2.43 7.60
C PRO A 73 21.79 2.91 6.29
N GLY A 74 20.89 3.88 6.40
CA GLY A 74 20.21 4.43 5.23
C GLY A 74 18.97 5.22 5.60
N LYS A 75 18.30 5.75 4.59
CA LYS A 75 17.06 6.50 4.79
C LYS A 75 15.86 5.66 4.35
N TYR A 76 14.83 5.61 5.20
CA TYR A 76 13.66 4.79 4.94
C TYR A 76 12.37 5.56 5.17
N THR A 77 11.24 4.97 4.80
CA THR A 77 9.95 5.59 5.03
C THR A 77 8.84 4.58 5.28
N PHE A 78 8.17 4.72 6.42
CA PHE A 78 6.95 3.97 6.65
C PHE A 78 5.79 4.67 5.96
N VAL A 79 5.07 3.92 5.12
CA VAL A 79 3.95 4.49 4.38
C VAL A 79 2.68 3.63 4.54
N GLU A 80 1.57 4.28 4.90
CA GLU A 80 0.28 3.61 5.02
C GLU A 80 -0.54 3.76 3.76
N THR A 81 -0.86 2.62 3.13
CA THR A 81 -1.59 2.62 1.89
C THR A 81 -3.10 2.58 2.13
N ALA A 82 -3.49 1.91 3.19
CA ALA A 82 -4.91 1.79 3.53
C ALA A 82 -5.10 1.68 5.04
N ALA A 83 -6.04 2.46 5.57
CA ALA A 83 -6.37 2.43 6.98
C ALA A 83 -7.61 1.56 7.22
N PRO A 84 -7.71 0.93 8.40
CA PRO A 84 -8.94 0.19 8.71
C PRO A 84 -10.13 1.13 8.83
N ASP A 85 -11.35 0.62 8.71
CA ASP A 85 -12.53 1.46 8.68
C ASP A 85 -12.68 2.31 9.95
N GLY A 86 -13.03 3.58 9.76
CA GLY A 86 -13.21 4.49 10.87
C GLY A 86 -11.95 5.26 11.20
N TYR A 87 -10.90 5.04 10.42
CA TYR A 87 -9.61 5.66 10.67
C TYR A 87 -9.05 6.33 9.43
N GLU A 88 -8.22 7.35 9.62
CA GLU A 88 -7.61 8.05 8.51
CA GLU A 88 -7.59 8.07 8.53
C GLU A 88 -6.16 7.60 8.30
N VAL A 89 -5.74 7.60 7.04
CA VAL A 89 -4.36 7.28 6.69
CA VAL A 89 -4.36 7.26 6.71
C VAL A 89 -3.40 8.29 7.31
N ALA A 90 -2.41 7.80 8.03
CA ALA A 90 -1.44 8.68 8.67
C ALA A 90 -0.41 9.18 7.68
N THR A 91 0.19 10.33 7.98
CA THR A 91 1.27 10.88 7.18
C THR A 91 2.46 9.93 7.23
N ALA A 92 3.08 9.70 6.07
CA ALA A 92 4.25 8.84 5.98
C ALA A 92 5.36 9.33 6.92
N ILE A 93 6.16 8.39 7.40
CA ILE A 93 7.21 8.71 8.36
C ILE A 93 8.59 8.38 7.81
N THR A 94 9.39 9.41 7.60
CA THR A 94 10.74 9.24 7.09
C THR A 94 11.75 9.28 8.23
N PHE A 95 12.68 8.33 8.24
CA PHE A 95 13.69 8.26 9.27
C PHE A 95 15.02 7.80 8.69
N THR A 96 16.09 8.01 9.45
CA THR A 96 17.41 7.57 9.02
CA THR A 96 17.40 7.55 9.01
C THR A 96 18.09 6.72 10.09
N VAL A 97 18.85 5.72 9.65
CA VAL A 97 19.66 4.90 10.53
C VAL A 97 21.11 5.18 10.19
N ASN A 98 21.92 5.62 11.14
CA ASN A 98 23.32 5.91 10.83
C ASN A 98 24.24 4.72 11.12
N GLU A 99 25.53 4.90 10.83
CA GLU A 99 26.52 3.83 10.99
CA GLU A 99 26.49 3.82 10.99
C GLU A 99 26.70 3.41 12.44
N GLN A 100 26.25 4.24 13.37
CA GLN A 100 26.39 3.91 14.78
C GLN A 100 25.09 3.37 15.35
N GLY A 101 24.11 3.14 14.48
CA GLY A 101 22.86 2.51 14.88
C GLY A 101 21.82 3.46 15.45
N GLN A 102 22.08 4.75 15.38
CA GLN A 102 21.15 5.75 15.89
C GLN A 102 20.03 6.03 14.89
N VAL A 103 18.83 6.25 15.40
CA VAL A 103 17.67 6.48 14.53
C VAL A 103 17.13 7.89 14.68
N THR A 104 17.10 8.62 13.57
CA THR A 104 16.62 10.00 13.55
C THR A 104 15.38 10.12 12.67
N VAL A 105 14.30 10.61 13.27
CA VAL A 105 13.04 10.85 12.57
C VAL A 105 12.96 12.30 12.08
N ASN A 106 11.97 12.61 11.24
CA ASN A 106 11.57 13.97 10.91
C ASN A 106 11.52 14.88 12.14
N ASP B 25 -6.59 -13.06 12.55
CA ASP B 25 -7.78 -13.23 11.72
C ASP B 25 -7.39 -13.34 10.23
N SER B 26 -8.21 -12.79 9.34
CA SER B 26 -8.14 -13.19 7.93
C SER B 26 -8.05 -12.09 6.88
N ALA B 27 -6.84 -11.69 6.50
CA ALA B 27 -6.68 -10.80 5.36
C ALA B 27 -6.00 -11.54 4.21
N THR B 28 -6.47 -11.30 2.99
CA THR B 28 -5.88 -11.94 1.81
C THR B 28 -4.91 -11.00 1.11
N HIS B 29 -3.68 -11.47 0.89
CA HIS B 29 -2.65 -10.67 0.24
C HIS B 29 -2.92 -10.54 -1.25
N ILE B 30 -3.30 -9.34 -1.67
CA ILE B 30 -3.52 -9.05 -3.09
C ILE B 30 -2.34 -8.27 -3.65
N LYS B 31 -1.86 -8.70 -4.81
CA LYS B 31 -0.75 -8.02 -5.48
C LYS B 31 -1.24 -7.39 -6.78
N PHE B 32 -1.20 -6.07 -6.85
CA PHE B 32 -1.69 -5.34 -8.01
C PHE B 32 -0.56 -4.85 -8.91
N SER B 33 -0.71 -5.08 -10.21
CA SER B 33 0.26 -4.60 -11.20
C SER B 33 -0.38 -3.70 -12.24
N LYS B 34 0.18 -2.50 -12.41
CA LYS B 34 -0.16 -1.63 -13.53
C LYS B 34 0.93 -1.74 -14.57
N ARG B 35 0.57 -2.24 -15.75
CA ARG B 35 1.58 -2.51 -16.78
C ARG B 35 1.20 -1.93 -18.14
N ASP B 36 2.19 -1.78 -19.01
CA ASP B 36 1.93 -1.44 -20.39
C ASP B 36 1.64 -2.72 -21.17
N GLU B 37 1.44 -2.59 -22.48
CA GLU B 37 1.09 -3.73 -23.32
C GLU B 37 2.26 -4.72 -23.48
N ASP B 38 3.46 -4.28 -23.14
CA ASP B 38 4.65 -5.13 -23.26
C ASP B 38 4.91 -5.94 -22.00
N GLY B 39 4.08 -5.76 -20.98
CA GLY B 39 4.21 -6.53 -19.76
C GLY B 39 5.13 -5.91 -18.74
N LYS B 40 5.59 -4.69 -19.02
CA LYS B 40 6.47 -3.96 -18.12
C LYS B 40 5.65 -3.10 -17.17
N GLU B 41 6.06 -3.06 -15.90
CA GLU B 41 5.39 -2.21 -14.91
C GLU B 41 5.35 -0.77 -15.37
N LEU B 42 4.18 -0.14 -15.28
CA LEU B 42 4.00 1.21 -15.76
C LEU B 42 3.72 2.20 -14.64
N ALA B 43 4.54 3.24 -14.55
CA ALA B 43 4.35 4.28 -13.54
C ALA B 43 3.55 5.44 -14.11
N GLY B 44 2.91 6.20 -13.23
CA GLY B 44 2.22 7.42 -13.63
C GLY B 44 0.71 7.32 -13.71
N ALA B 45 0.17 6.16 -13.36
CA ALA B 45 -1.28 5.97 -13.38
C ALA B 45 -1.88 6.19 -12.00
N THR B 46 -2.84 7.11 -11.91
CA THR B 46 -3.53 7.37 -10.65
C THR B 46 -4.61 6.33 -10.43
N MET B 47 -4.52 5.63 -9.30
CA MET B 47 -5.40 4.49 -9.05
C MET B 47 -6.24 4.65 -7.79
N GLU B 48 -7.39 3.97 -7.78
CA GLU B 48 -8.23 3.86 -6.60
C GLU B 48 -8.59 2.41 -6.33
N LEU B 49 -8.74 2.07 -5.06
CA LEU B 49 -9.33 0.80 -4.68
C LEU B 49 -10.59 1.09 -3.87
N ARG B 50 -11.71 0.49 -4.27
CA ARG B 50 -12.99 0.73 -3.61
C ARG B 50 -13.60 -0.55 -3.04
N ASP B 51 -14.39 -0.42 -1.98
CA ASP B 51 -15.15 -1.55 -1.44
C ASP B 51 -16.44 -1.73 -2.21
N SER B 52 -17.31 -2.59 -1.67
CA SER B 52 -18.57 -2.94 -2.31
C SER B 52 -19.59 -1.80 -2.27
N SER B 53 -19.28 -0.75 -1.51
CA SER B 53 -20.19 0.39 -1.41
C SER B 53 -19.69 1.56 -2.26
N GLY B 54 -18.53 1.38 -2.89
CA GLY B 54 -17.96 2.40 -3.75
C GLY B 54 -17.03 3.35 -3.01
N LYS B 55 -16.85 3.09 -1.72
CA LYS B 55 -15.98 3.94 -0.91
CA LYS B 55 -15.98 3.94 -0.90
C LYS B 55 -14.52 3.72 -1.23
N THR B 56 -13.81 4.80 -1.53
CA THR B 56 -12.39 4.70 -1.85
C THR B 56 -11.59 4.37 -0.58
N ILE B 57 -10.94 3.20 -0.57
CA ILE B 57 -10.20 2.77 0.61
CA ILE B 57 -10.20 2.72 0.59
C ILE B 57 -8.70 2.89 0.40
N SER B 58 -8.28 3.15 -0.83
CA SER B 58 -6.86 3.33 -1.09
C SER B 58 -6.62 4.18 -2.34
N THR B 59 -5.63 5.07 -2.26
CA THR B 59 -5.30 5.96 -3.36
CA THR B 59 -5.30 5.96 -3.36
C THR B 59 -3.80 6.04 -3.56
N TRP B 60 -3.36 5.96 -4.81
CA TRP B 60 -1.94 6.01 -5.12
C TRP B 60 -1.71 6.25 -6.60
N ILE B 61 -0.46 6.60 -6.93
CA ILE B 61 -0.03 6.64 -8.32
C ILE B 61 1.00 5.54 -8.51
N SER B 62 0.88 4.79 -9.59
CA SER B 62 1.79 3.68 -9.87
C SER B 62 3.21 4.21 -10.02
N ASP B 63 4.17 3.46 -9.49
CA ASP B 63 5.55 3.93 -9.50
C ASP B 63 6.52 2.93 -10.13
N GLY B 64 5.97 1.92 -10.80
CA GLY B 64 6.79 0.93 -11.48
C GLY B 64 7.03 -0.30 -10.64
N GLN B 65 6.32 -0.38 -9.51
CA GLN B 65 6.39 -1.54 -8.64
C GLN B 65 5.03 -2.20 -8.49
N VAL B 66 5.03 -3.49 -8.16
CA VAL B 66 3.80 -4.17 -7.74
C VAL B 66 3.29 -3.50 -6.48
N LYS B 67 1.97 -3.33 -6.40
CA LYS B 67 1.35 -2.69 -5.24
C LYS B 67 0.63 -3.73 -4.38
N ASP B 68 0.96 -3.78 -3.10
CA ASP B 68 0.40 -4.78 -2.20
C ASP B 68 -0.83 -4.30 -1.45
N PHE B 69 -1.81 -5.20 -1.33
CA PHE B 69 -3.00 -4.94 -0.52
C PHE B 69 -3.36 -6.18 0.28
N TYR B 70 -3.98 -5.96 1.44
CA TYR B 70 -4.43 -7.06 2.29
C TYR B 70 -5.90 -6.85 2.63
N LEU B 71 -6.76 -7.64 1.99
CA LEU B 71 -8.20 -7.41 2.07
C LEU B 71 -8.96 -8.52 2.76
N TYR B 72 -9.98 -8.14 3.52
CA TYR B 72 -10.90 -9.07 4.15
C TYR B 72 -11.96 -9.48 3.12
N PRO B 73 -12.67 -10.59 3.37
CA PRO B 73 -13.72 -11.05 2.44
C PRO B 73 -14.71 -9.97 2.03
N GLY B 74 -14.97 -9.89 0.73
CA GLY B 74 -15.90 -8.90 0.20
C GLY B 74 -15.67 -8.62 -1.27
N LYS B 75 -16.46 -7.68 -1.82
CA LYS B 75 -16.32 -7.29 -3.22
CA LYS B 75 -16.32 -7.29 -3.22
C LYS B 75 -15.60 -5.95 -3.35
N TYR B 76 -14.60 -5.89 -4.22
CA TYR B 76 -13.80 -4.69 -4.40
C TYR B 76 -13.68 -4.31 -5.87
N THR B 77 -13.14 -3.12 -6.12
CA THR B 77 -12.93 -2.64 -7.49
C THR B 77 -11.70 -1.76 -7.64
N PHE B 78 -10.81 -2.15 -8.54
CA PHE B 78 -9.70 -1.29 -8.94
C PHE B 78 -10.17 -0.31 -10.02
N VAL B 79 -10.03 0.98 -9.76
CA VAL B 79 -10.43 1.99 -10.73
C VAL B 79 -9.28 2.92 -11.08
N GLU B 80 -9.03 3.08 -12.37
CA GLU B 80 -8.03 4.05 -12.82
C GLU B 80 -8.70 5.38 -13.11
N THR B 81 -8.18 6.45 -12.50
CA THR B 81 -8.77 7.77 -12.66
C THR B 81 -8.00 8.62 -13.66
N ALA B 82 -6.71 8.33 -13.81
CA ALA B 82 -5.87 9.06 -14.75
C ALA B 82 -4.72 8.19 -15.24
N ALA B 83 -4.53 8.16 -16.55
CA ALA B 83 -3.42 7.42 -17.15
C ALA B 83 -2.28 8.36 -17.49
N PRO B 84 -1.04 7.85 -17.50
CA PRO B 84 0.08 8.69 -17.92
C PRO B 84 -0.04 9.04 -19.41
N ASP B 85 0.63 10.12 -19.82
CA ASP B 85 0.57 10.55 -21.21
CA ASP B 85 0.58 10.56 -21.21
C ASP B 85 1.02 9.44 -22.15
N GLY B 86 0.21 9.19 -23.18
CA GLY B 86 0.53 8.14 -24.13
C GLY B 86 -0.23 6.86 -23.87
N TYR B 87 -1.05 6.85 -22.81
CA TYR B 87 -1.79 5.66 -22.46
C TYR B 87 -3.27 5.97 -22.24
N GLU B 88 -4.12 4.96 -22.39
CA GLU B 88 -5.54 5.15 -22.15
C GLU B 88 -6.00 4.52 -20.85
N VAL B 89 -7.06 5.07 -20.28
CA VAL B 89 -7.62 4.58 -19.03
CA VAL B 89 -7.61 4.58 -19.02
C VAL B 89 -8.23 3.20 -19.21
N ALA B 90 -7.81 2.25 -18.38
CA ALA B 90 -8.28 0.89 -18.46
C ALA B 90 -9.64 0.72 -17.79
N THR B 91 -10.40 -0.26 -18.25
CA THR B 91 -11.67 -0.61 -17.64
C THR B 91 -11.47 -1.02 -16.19
N ALA B 92 -12.36 -0.55 -15.31
CA ALA B 92 -12.28 -0.90 -13.90
C ALA B 92 -12.38 -2.41 -13.71
N ILE B 93 -11.70 -2.92 -12.67
CA ILE B 93 -11.67 -4.35 -12.43
C ILE B 93 -12.32 -4.69 -11.09
N THR B 94 -13.45 -5.39 -11.15
CA THR B 94 -14.17 -5.80 -9.96
C THR B 94 -13.84 -7.26 -9.61
N PHE B 95 -13.53 -7.50 -8.34
CA PHE B 95 -13.19 -8.84 -7.90
C PHE B 95 -13.79 -9.15 -6.53
N THR B 96 -13.82 -10.43 -6.18
CA THR B 96 -14.35 -10.86 -4.90
C THR B 96 -13.35 -11.74 -4.15
N VAL B 97 -13.14 -11.42 -2.88
CA VAL B 97 -12.35 -12.28 -2.00
C VAL B 97 -13.30 -13.00 -1.05
N ASN B 98 -13.25 -14.34 -1.02
CA ASN B 98 -14.10 -15.07 -0.10
C ASN B 98 -13.37 -15.44 1.19
N GLU B 99 -14.06 -16.11 2.09
CA GLU B 99 -13.51 -16.43 3.40
C GLU B 99 -12.36 -17.43 3.34
N GLN B 100 -12.23 -18.11 2.21
CA GLN B 100 -11.15 -19.08 2.05
C GLN B 100 -9.91 -18.44 1.42
N GLY B 101 -9.98 -17.13 1.19
CA GLY B 101 -8.85 -16.40 0.65
C GLY B 101 -8.72 -16.52 -0.86
N GLN B 102 -9.73 -17.09 -1.51
CA GLN B 102 -9.70 -17.24 -2.96
C GLN B 102 -10.21 -15.97 -3.64
N VAL B 103 -9.63 -15.66 -4.80
CA VAL B 103 -10.00 -14.45 -5.53
C VAL B 103 -10.66 -14.77 -6.86
N THR B 104 -11.85 -14.23 -7.04
CA THR B 104 -12.61 -14.41 -8.28
CA THR B 104 -12.60 -14.40 -8.28
C THR B 104 -12.80 -13.06 -8.99
N VAL B 105 -12.23 -12.93 -10.17
CA VAL B 105 -12.43 -11.72 -10.94
C VAL B 105 -13.91 -11.65 -11.30
N ASN B 106 -14.57 -10.72 -10.63
CA ASN B 106 -16.00 -10.74 -10.42
C ASN B 106 -16.75 -9.84 -11.40
N GLY B 107 -16.43 -10.00 -12.68
CA GLY B 107 -16.91 -9.06 -13.69
C GLY B 107 -15.84 -8.04 -14.02
N ALA C 1 15.10 1.16 19.28
CA ALA C 1 14.45 2.32 18.69
C ALA C 1 13.02 2.00 18.27
N HIS C 2 12.09 2.84 18.70
CA HIS C 2 10.69 2.67 18.35
C HIS C 2 10.22 3.73 17.37
N ILE C 3 9.36 3.34 16.43
CA ILE C 3 8.68 4.27 15.55
C ILE C 3 7.19 4.05 15.69
N VAL C 4 6.46 5.12 16.03
CA VAL C 4 5.04 5.01 16.32
C VAL C 4 4.18 5.81 15.35
N MET C 5 3.33 5.10 14.62
CA MET C 5 2.43 5.75 13.68
C MET C 5 0.99 5.65 14.18
N VAL C 6 0.32 6.78 14.31
CA VAL C 6 -1.05 6.77 14.80
C VAL C 6 -2.09 6.93 13.70
N ASP C 7 -3.05 6.01 13.68
CA ASP C 7 -4.23 6.16 12.85
C ASP C 7 -5.24 7.04 13.59
N ALA C 8 -5.43 8.26 13.09
CA ALA C 8 -6.41 9.15 13.70
C ALA C 8 -7.83 8.67 13.40
N TYR C 9 -8.73 8.88 14.34
CA TYR C 9 -10.15 8.61 14.10
C TYR C 9 -10.66 9.55 13.01
N LYS C 10 -11.55 9.03 12.16
CA LYS C 10 -12.28 9.85 11.20
C LYS C 10 -13.19 10.84 11.93
N PRO C 11 -13.49 11.99 11.29
CA PRO C 11 -14.35 13.01 11.90
C PRO C 11 -15.67 12.46 12.46
N THR C 12 -16.10 13.06 13.57
CA THR C 12 -17.31 12.64 14.27
C THR C 12 -18.56 13.21 13.61
N ALA D 1 -2.32 -13.93 -4.75
CA ALA D 1 -3.24 -13.56 -5.81
C ALA D 1 -2.79 -12.30 -6.52
N HIS D 2 -2.79 -12.34 -7.85
CA HIS D 2 -2.41 -11.18 -8.65
C HIS D 2 -3.60 -10.59 -9.40
N ILE D 3 -3.63 -9.27 -9.49
CA ILE D 3 -4.57 -8.57 -10.36
C ILE D 3 -3.76 -7.64 -11.25
N VAL D 4 -3.86 -7.84 -12.56
CA VAL D 4 -3.07 -7.09 -13.51
C VAL D 4 -3.96 -6.20 -14.39
N MET D 5 -3.70 -4.90 -14.36
CA MET D 5 -4.44 -3.95 -15.19
C MET D 5 -3.49 -3.34 -16.21
N VAL D 6 -3.81 -3.52 -17.49
CA VAL D 6 -2.95 -3.02 -18.56
CA VAL D 6 -2.92 -3.01 -18.55
C VAL D 6 -3.42 -1.67 -19.09
N ASP D 7 -2.52 -0.69 -19.09
CA ASP D 7 -2.79 0.61 -19.70
C ASP D 7 -2.45 0.50 -21.19
N ALA D 8 -3.46 0.44 -22.05
CA ALA D 8 -3.22 0.30 -23.48
C ALA D 8 -2.60 1.57 -24.05
N TYR D 9 -1.72 1.40 -25.05
CA TYR D 9 -1.21 2.53 -25.79
C TYR D 9 -2.34 3.26 -26.51
N LYS D 10 -2.27 4.59 -26.50
CA LYS D 10 -3.25 5.39 -27.23
CA LYS D 10 -3.18 5.49 -27.23
C LYS D 10 -2.99 5.33 -28.74
N PRO D 11 -4.05 5.51 -29.54
CA PRO D 11 -3.96 5.36 -31.00
C PRO D 11 -2.74 5.98 -31.64
N THR D 12 -2.21 5.29 -32.64
CA THR D 12 -1.04 5.75 -33.37
C THR D 12 -1.39 6.88 -34.34
#